data_9PGY
#
_entry.id   9PGY
#
_cell.length_a   68.218
_cell.length_b   68.218
_cell.length_c   95.398
_cell.angle_alpha   90.000
_cell.angle_beta   90.000
_cell.angle_gamma   120.000
#
_symmetry.space_group_name_H-M   'P 31 2 1'
#
loop_
_entity.id
_entity.type
_entity.pdbx_description
1 polymer 'Metalloreductase STEAP2'
2 non-polymer 'NADPH DIHYDRO-NICOTINAMIDE-ADENINE-DINUCLEOTIDE PHOSPHATE'
3 non-polymer 1,2-ETHANEDIOL
4 non-polymer 'SULFATE ION'
5 water water
#
_entity_poly.entity_id   1
_entity_poly.type   'polypeptide(L)'
_entity_poly.pdbx_seq_one_letter_code
;GHMKVTVGVIGSGDFAKSLTIRLIRCGYHVVIGSRNPKSASESFPHVVDVTHHEDALTKTNIIFVAIHREHYTSLSDLRH
LLVGKILIDVSNNMRINQYPESNAEYLASLFPDSLIVKGFNVVSAWALQLGPKDASRQVYICSNNIQARQQVIELARQLN
FIPIDLGSLSSAREIENLPLRL
;
_entity_poly.pdbx_strand_id   A
#
loop_
_chem_comp.id
_chem_comp.type
_chem_comp.name
_chem_comp.formula
EDO non-polymer 1,2-ETHANEDIOL 'C2 H6 O2'
NDP non-polymer 'NADPH DIHYDRO-NICOTINAMIDE-ADENINE-DINUCLEOTIDE PHOSPHATE' 'C21 H30 N7 O17 P3'
SO4 non-polymer 'SULFATE ION' 'O4 S -2'
#
# COMPACT_ATOMS: atom_id res chain seq x y z
N LYS A 4 14.40 -2.63 -14.11
CA LYS A 4 13.46 -1.88 -13.26
C LYS A 4 13.15 -2.64 -11.97
N VAL A 5 13.05 -1.91 -10.86
CA VAL A 5 12.61 -2.50 -9.59
C VAL A 5 11.13 -2.82 -9.69
N THR A 6 10.72 -3.99 -9.20
CA THR A 6 9.33 -4.42 -9.23
C THR A 6 8.65 -4.11 -7.90
N VAL A 7 7.50 -3.45 -7.98
CA VAL A 7 6.66 -3.20 -6.80
C VAL A 7 5.32 -3.90 -7.00
N GLY A 8 4.80 -4.51 -5.94
CA GLY A 8 3.53 -5.21 -6.01
C GLY A 8 2.37 -4.39 -5.49
N VAL A 9 1.19 -4.67 -6.04
CA VAL A 9 -0.07 -4.11 -5.56
C VAL A 9 -1.09 -5.22 -5.51
N ILE A 10 -1.74 -5.39 -4.36
CA ILE A 10 -2.85 -6.33 -4.26
C ILE A 10 -4.15 -5.55 -4.44
N GLY A 11 -5.03 -6.07 -5.30
CA GLY A 11 -6.27 -5.38 -5.62
C GLY A 11 -6.19 -4.73 -7.00
N SER A 12 -7.37 -4.38 -7.55
CA SER A 12 -7.40 -3.86 -8.91
C SER A 12 -8.42 -2.74 -9.07
N GLY A 13 -8.72 -2.02 -7.98
CA GLY A 13 -9.70 -0.96 -7.98
C GLY A 13 -9.09 0.41 -8.22
N ASP A 14 -9.84 1.45 -7.81
CA ASP A 14 -9.44 2.82 -8.12
C ASP A 14 -8.06 3.12 -7.56
N PHE A 15 -7.80 2.70 -6.32
CA PHE A 15 -6.51 3.05 -5.73
C PHE A 15 -5.38 2.26 -6.37
N ALA A 16 -5.60 0.95 -6.59
CA ALA A 16 -4.57 0.13 -7.23
C ALA A 16 -4.24 0.66 -8.62
N LYS A 17 -5.25 1.10 -9.38
CA LYS A 17 -4.98 1.57 -10.73
C LYS A 17 -4.20 2.87 -10.72
N SER A 18 -4.57 3.78 -9.82
CA SER A 18 -3.91 5.07 -9.69
C SER A 18 -2.47 4.90 -9.21
N LEU A 19 -2.28 4.04 -8.21
CA LEU A 19 -0.94 3.74 -7.73
CA LEU A 19 -0.95 3.73 -7.74
C LEU A 19 -0.07 3.19 -8.85
N THR A 20 -0.62 2.29 -9.66
CA THR A 20 0.13 1.68 -10.75
C THR A 20 0.59 2.72 -11.76
N ILE A 21 -0.31 3.64 -12.14
CA ILE A 21 0.08 4.79 -12.97
C ILE A 21 1.30 5.50 -12.41
N ARG A 22 1.23 5.89 -11.15
CA ARG A 22 2.30 6.67 -10.56
C ARG A 22 3.60 5.86 -10.49
N LEU A 23 3.50 4.57 -10.12
CA LEU A 23 4.69 3.72 -10.08
C LEU A 23 5.36 3.64 -11.45
N ILE A 24 4.57 3.44 -12.50
CA ILE A 24 5.15 3.34 -13.85
C ILE A 24 5.79 4.67 -14.24
N ARG A 25 5.08 5.78 -14.01
CA ARG A 25 5.61 7.10 -14.36
C ARG A 25 6.92 7.38 -13.64
N CYS A 26 7.10 6.82 -12.46
CA CYS A 26 8.30 7.07 -11.66
C CYS A 26 9.36 5.98 -11.82
N GLY A 27 9.18 5.06 -12.77
CA GLY A 27 10.25 4.18 -13.18
C GLY A 27 10.21 2.77 -12.65
N TYR A 28 9.12 2.35 -12.02
CA TYR A 28 9.01 1.00 -11.51
C TYR A 28 8.30 0.07 -12.50
N HIS A 29 8.53 -1.22 -12.30
CA HIS A 29 7.71 -2.27 -12.88
C HIS A 29 6.69 -2.69 -11.84
N VAL A 30 5.45 -2.96 -12.27
CA VAL A 30 4.34 -3.24 -11.37
C VAL A 30 3.84 -4.64 -11.63
N VAL A 31 3.64 -5.41 -10.56
CA VAL A 31 2.92 -6.67 -10.60
C VAL A 31 1.67 -6.53 -9.72
N ILE A 32 0.52 -6.96 -10.26
CA ILE A 32 -0.77 -6.90 -9.58
C ILE A 32 -1.14 -8.30 -9.14
N GLY A 33 -1.58 -8.43 -7.89
CA GLY A 33 -2.24 -9.62 -7.40
C GLY A 33 -3.74 -9.39 -7.32
N SER A 34 -4.48 -10.19 -8.10
CA SER A 34 -5.93 -10.09 -8.19
C SER A 34 -6.55 -11.46 -7.95
N ARG A 35 -7.77 -11.44 -7.42
CA ARG A 35 -8.55 -12.67 -7.30
C ARG A 35 -8.88 -13.24 -8.67
N ASN A 36 -9.04 -12.36 -9.67
CA ASN A 36 -9.48 -12.75 -11.00
C ASN A 36 -8.61 -12.05 -12.03
N PRO A 37 -7.36 -12.51 -12.20
CA PRO A 37 -6.41 -11.76 -13.01
C PRO A 37 -6.77 -11.69 -14.47
N LYS A 38 -7.45 -12.70 -15.01
CA LYS A 38 -7.90 -12.63 -16.40
C LYS A 38 -8.85 -11.46 -16.59
N SER A 39 -9.84 -11.34 -15.72
CA SER A 39 -10.76 -10.21 -15.76
C SER A 39 -10.05 -8.90 -15.46
N ALA A 40 -9.20 -8.88 -14.43
CA ALA A 40 -8.56 -7.63 -14.02
C ALA A 40 -7.57 -7.10 -15.05
N SER A 41 -7.05 -7.97 -15.93
CA SER A 41 -5.98 -7.57 -16.83
C SER A 41 -6.37 -6.39 -17.70
N GLU A 42 -7.66 -6.22 -18.00
CA GLU A 42 -8.11 -5.11 -18.82
C GLU A 42 -8.12 -3.78 -18.06
N SER A 43 -8.13 -3.82 -16.73
CA SER A 43 -7.97 -2.62 -15.92
C SER A 43 -6.54 -2.11 -15.90
N PHE A 44 -5.62 -2.65 -16.69
CA PHE A 44 -4.22 -2.26 -16.60
C PHE A 44 -3.60 -2.33 -17.98
N PRO A 45 -2.51 -1.60 -18.22
CA PRO A 45 -1.80 -1.72 -19.49
C PRO A 45 -1.02 -3.03 -19.57
N HIS A 46 -0.64 -3.36 -20.80
CA HIS A 46 0.07 -4.61 -21.04
CA HIS A 46 0.08 -4.60 -21.06
C HIS A 46 1.43 -4.66 -20.35
N VAL A 47 2.02 -3.49 -20.05
CA VAL A 47 3.31 -3.46 -19.36
C VAL A 47 3.21 -3.92 -17.91
N VAL A 48 1.99 -4.04 -17.38
CA VAL A 48 1.76 -4.47 -16.00
C VAL A 48 1.52 -5.98 -15.99
N ASP A 49 2.18 -6.68 -15.06
CA ASP A 49 2.03 -8.13 -14.88
C ASP A 49 0.86 -8.38 -13.93
N VAL A 50 -0.29 -8.79 -14.47
CA VAL A 50 -1.49 -9.03 -13.66
C VAL A 50 -1.67 -10.53 -13.47
N THR A 51 -1.65 -10.97 -12.21
CA THR A 51 -1.58 -12.40 -11.91
C THR A 51 -2.30 -12.69 -10.60
N HIS A 52 -2.26 -13.95 -10.16
CA HIS A 52 -2.86 -14.29 -8.89
C HIS A 52 -1.97 -13.80 -7.74
N HIS A 53 -2.57 -13.63 -6.56
CA HIS A 53 -1.79 -13.15 -5.41
C HIS A 53 -0.52 -13.96 -5.19
N GLU A 54 -0.65 -15.29 -5.21
CA GLU A 54 0.49 -16.13 -4.83
C GLU A 54 1.62 -16.04 -5.84
N ASP A 55 1.32 -15.70 -7.10
CA ASP A 55 2.37 -15.47 -8.08
CA ASP A 55 2.39 -15.49 -8.07
C ASP A 55 2.97 -14.08 -7.96
N ALA A 56 2.13 -13.06 -7.74
CA ALA A 56 2.64 -11.70 -7.62
C ALA A 56 3.64 -11.58 -6.49
N LEU A 57 3.39 -12.27 -5.37
CA LEU A 57 4.26 -12.15 -4.20
C LEU A 57 5.65 -12.70 -4.44
N THR A 58 5.81 -13.63 -5.37
CA THR A 58 7.14 -14.17 -5.66
C THR A 58 8.00 -13.19 -6.46
N LYS A 59 7.43 -12.09 -6.94
CA LYS A 59 8.15 -11.21 -7.83
C LYS A 59 8.59 -9.91 -7.16
N THR A 60 8.30 -9.73 -5.88
CA THR A 60 8.64 -8.49 -5.21
C THR A 60 8.67 -8.73 -3.70
N ASN A 61 9.35 -7.83 -2.99
CA ASN A 61 9.34 -7.83 -1.54
C ASN A 61 8.57 -6.65 -0.94
N ILE A 62 7.96 -5.80 -1.76
CA ILE A 62 7.23 -4.63 -1.27
C ILE A 62 5.87 -4.62 -1.94
N ILE A 63 4.80 -4.68 -1.15
CA ILE A 63 3.46 -4.85 -1.67
C ILE A 63 2.52 -3.84 -1.03
N PHE A 64 1.88 -3.02 -1.86
CA PHE A 64 0.78 -2.18 -1.40
C PHE A 64 -0.47 -3.02 -1.25
N VAL A 65 -1.13 -2.93 -0.09
CA VAL A 65 -2.34 -3.72 0.12
C VAL A 65 -3.55 -2.87 -0.24
N ALA A 66 -3.87 -2.78 -1.53
CA ALA A 66 -4.88 -1.82 -2.01
C ALA A 66 -6.28 -2.42 -1.99
N ILE A 67 -6.66 -2.95 -0.82
CA ILE A 67 -7.99 -3.45 -0.57
C ILE A 67 -8.45 -2.89 0.77
N HIS A 68 -9.75 -3.03 1.05
CA HIS A 68 -10.32 -2.53 2.29
C HIS A 68 -10.04 -3.47 3.47
N ARG A 69 -10.01 -2.88 4.67
CA ARG A 69 -9.71 -3.62 5.90
C ARG A 69 -10.61 -4.85 6.03
N GLU A 70 -11.87 -4.70 5.66
CA GLU A 70 -12.84 -5.77 5.85
C GLU A 70 -12.52 -6.99 5.01
N HIS A 71 -11.60 -6.89 4.05
CA HIS A 71 -11.25 -8.01 3.19
C HIS A 71 -9.84 -8.54 3.45
N TYR A 72 -9.16 -8.03 4.48
CA TYR A 72 -7.80 -8.48 4.77
C TYR A 72 -7.75 -9.99 4.99
N THR A 73 -8.76 -10.56 5.64
CA THR A 73 -8.69 -11.99 5.98
C THR A 73 -8.76 -12.87 4.75
N SER A 74 -9.19 -12.34 3.61
CA SER A 74 -9.12 -13.13 2.38
C SER A 74 -7.69 -13.43 1.96
N LEU A 75 -6.70 -12.73 2.53
CA LEU A 75 -5.30 -12.99 2.26
C LEU A 75 -4.66 -13.90 3.31
N SER A 76 -5.39 -14.32 4.34
CA SER A 76 -4.74 -15.01 5.45
C SER A 76 -4.06 -16.30 5.02
N ASP A 77 -4.60 -16.99 4.00
CA ASP A 77 -3.95 -18.23 3.59
C ASP A 77 -2.61 -18.00 2.89
N LEU A 78 -2.26 -16.74 2.61
CA LEU A 78 -0.97 -16.37 2.05
C LEU A 78 0.11 -16.13 3.09
N ARG A 79 -0.19 -16.33 4.38
CA ARG A 79 0.70 -15.92 5.46
C ARG A 79 2.11 -16.46 5.27
N HIS A 80 2.23 -17.75 4.97
CA HIS A 80 3.56 -18.33 4.83
C HIS A 80 4.34 -17.68 3.69
N LEU A 81 3.67 -17.43 2.57
CA LEU A 81 4.33 -16.81 1.42
C LEU A 81 4.69 -15.35 1.68
N LEU A 82 3.99 -14.70 2.62
CA LEU A 82 4.21 -13.29 2.91
C LEU A 82 5.30 -13.04 3.94
N VAL A 83 5.87 -14.11 4.53
CA VAL A 83 6.87 -13.92 5.58
C VAL A 83 8.01 -13.06 5.06
N GLY A 84 8.40 -12.06 5.84
CA GLY A 84 9.54 -11.22 5.52
C GLY A 84 9.27 -10.14 4.51
N LYS A 85 8.07 -10.08 3.94
CA LYS A 85 7.79 -9.06 2.93
C LYS A 85 7.22 -7.82 3.59
N ILE A 86 7.44 -6.68 2.94
CA ILE A 86 6.89 -5.41 3.40
C ILE A 86 5.49 -5.26 2.83
N LEU A 87 4.52 -5.04 3.71
CA LEU A 87 3.14 -4.82 3.34
C LEU A 87 2.82 -3.37 3.68
N ILE A 88 2.44 -2.59 2.67
CA ILE A 88 2.09 -1.19 2.90
C ILE A 88 0.58 -1.09 3.09
N ASP A 89 0.17 -0.62 4.27
CA ASP A 89 -1.23 -0.45 4.60
C ASP A 89 -1.64 0.96 4.22
N VAL A 90 -2.44 1.06 3.16
CA VAL A 90 -2.91 2.32 2.59
C VAL A 90 -4.34 2.64 3.00
N SER A 91 -4.93 1.87 3.91
CA SER A 91 -6.38 1.86 4.09
C SER A 91 -6.92 3.06 4.88
N ASN A 92 -8.18 3.38 4.61
CA ASN A 92 -8.95 4.35 5.37
C ASN A 92 -10.23 3.72 5.88
N ASN A 93 -10.79 4.33 6.93
CA ASN A 93 -12.08 3.95 7.49
C ASN A 93 -13.08 5.08 7.30
N MET A 94 -14.36 4.78 7.51
CA MET A 94 -15.37 5.81 7.42
C MET A 94 -15.52 6.63 8.69
N ARG A 95 -15.13 6.09 9.84
CA ARG A 95 -15.29 6.78 11.11
C ARG A 95 -13.96 6.94 11.82
N ILE A 96 -13.84 8.01 12.59
CA ILE A 96 -12.71 8.19 13.47
C ILE A 96 -12.71 7.10 14.54
N ASN A 97 -11.56 6.50 14.78
CA ASN A 97 -11.39 5.46 15.81
C ASN A 97 -12.43 4.36 15.69
N GLN A 98 -12.54 3.78 14.48
CA GLN A 98 -13.66 2.90 14.18
C GLN A 98 -13.55 1.54 14.86
N TYR A 99 -12.34 1.02 14.98
CA TYR A 99 -12.12 -0.33 15.50
C TYR A 99 -11.23 -0.32 16.74
N PRO A 100 -11.14 -1.44 17.45
CA PRO A 100 -10.29 -1.48 18.66
C PRO A 100 -8.82 -1.30 18.36
N GLU A 101 -8.37 -1.54 17.13
CA GLU A 101 -7.00 -1.32 16.73
C GLU A 101 -7.03 -0.56 15.41
N SER A 102 -5.93 0.11 15.10
CA SER A 102 -5.83 0.70 13.77
C SER A 102 -5.82 -0.40 12.71
N ASN A 103 -6.12 -0.01 11.47
CA ASN A 103 -6.12 -1.00 10.39
C ASN A 103 -4.74 -1.60 10.21
N ALA A 104 -3.69 -0.78 10.30
CA ALA A 104 -2.34 -1.30 10.13
C ALA A 104 -1.97 -2.26 11.24
N GLU A 105 -2.36 -1.96 12.49
CA GLU A 105 -2.08 -2.91 13.56
C GLU A 105 -2.85 -4.20 13.36
N TYR A 106 -4.08 -4.10 12.87
CA TYR A 106 -4.85 -5.30 12.54
C TYR A 106 -4.15 -6.13 11.47
N LEU A 107 -3.66 -5.48 10.40
CA LEU A 107 -2.91 -6.22 9.38
C LEU A 107 -1.65 -6.86 9.97
N ALA A 108 -0.95 -6.14 10.84
CA ALA A 108 0.24 -6.69 11.48
C ALA A 108 -0.10 -7.90 12.35
N SER A 109 -1.29 -7.92 12.96
CA SER A 109 -1.69 -9.07 13.77
C SER A 109 -2.03 -10.28 12.89
N LEU A 110 -2.58 -10.04 11.69
CA LEU A 110 -2.84 -11.15 10.77
C LEU A 110 -1.56 -11.75 10.21
N PHE A 111 -0.53 -10.95 10.02
CA PHE A 111 0.72 -11.37 9.38
C PHE A 111 1.88 -11.00 10.29
N PRO A 112 2.01 -11.67 11.44
CA PRO A 112 3.01 -11.23 12.43
C PRO A 112 4.45 -11.39 11.97
N ASP A 113 4.71 -12.19 10.93
CA ASP A 113 6.06 -12.32 10.41
C ASP A 113 6.27 -11.53 9.12
N SER A 114 5.29 -10.73 8.72
CA SER A 114 5.47 -9.74 7.68
C SER A 114 5.83 -8.41 8.33
N LEU A 115 6.27 -7.46 7.51
CA LEU A 115 6.72 -6.15 8.00
C LEU A 115 5.70 -5.12 7.52
N ILE A 116 4.81 -4.68 8.40
CA ILE A 116 3.70 -3.79 8.01
C ILE A 116 4.17 -2.34 8.18
N VAL A 117 3.89 -1.53 7.17
CA VAL A 117 4.21 -0.10 7.17
C VAL A 117 2.95 0.66 6.79
N LYS A 118 2.54 1.61 7.62
CA LYS A 118 1.43 2.47 7.23
C LYS A 118 1.94 3.55 6.28
N GLY A 119 1.20 3.79 5.21
CA GLY A 119 1.55 4.90 4.35
C GLY A 119 0.59 5.08 3.19
N PHE A 120 0.46 6.33 2.71
CA PHE A 120 -0.21 6.73 1.47
C PHE A 120 -1.72 6.78 1.61
N ASN A 121 -2.28 6.54 2.80
CA ASN A 121 -3.73 6.61 2.93
C ASN A 121 -4.23 8.04 2.77
N VAL A 122 -3.37 9.04 2.96
CA VAL A 122 -3.80 10.42 2.83
C VAL A 122 -3.76 10.92 1.39
N VAL A 123 -3.32 10.09 0.44
CA VAL A 123 -3.22 10.47 -0.97
C VAL A 123 -4.43 9.95 -1.72
N SER A 124 -5.18 10.85 -2.36
CA SER A 124 -6.34 10.40 -3.11
C SER A 124 -5.91 9.74 -4.43
N ALA A 125 -6.80 8.91 -4.97
CA ALA A 125 -6.53 8.30 -6.27
C ALA A 125 -6.28 9.38 -7.30
N TRP A 126 -7.03 10.47 -7.22
CA TRP A 126 -6.89 11.52 -8.21
C TRP A 126 -5.55 12.20 -8.04
N ALA A 127 -5.04 12.26 -6.80
CA ALA A 127 -3.72 12.85 -6.54
C ALA A 127 -2.58 11.97 -7.03
N LEU A 128 -2.77 10.65 -7.03
CA LEU A 128 -1.74 9.78 -7.58
C LEU A 128 -1.61 9.97 -9.08
N GLN A 129 -2.71 10.31 -9.75
CA GLN A 129 -2.70 10.53 -11.19
C GLN A 129 -2.13 11.89 -11.55
N LEU A 130 -2.58 12.92 -10.86
CA LEU A 130 -2.21 14.29 -11.18
C LEU A 130 -1.00 14.78 -10.41
N GLY A 131 -0.70 14.16 -9.27
CA GLY A 131 0.25 14.71 -8.34
C GLY A 131 -0.46 15.42 -7.21
N PRO A 132 0.16 15.44 -6.03
CA PRO A 132 -0.42 16.19 -4.90
C PRO A 132 -0.24 17.68 -5.09
N LYS A 133 -1.12 18.44 -4.43
CA LYS A 133 -0.97 19.89 -4.40
C LYS A 133 0.38 20.25 -3.79
N ASP A 134 0.99 21.33 -4.30
CA ASP A 134 2.37 21.64 -3.93
C ASP A 134 2.51 21.92 -2.43
N ALA A 135 1.45 22.39 -1.77
CA ALA A 135 1.51 22.65 -0.35
C ALA A 135 1.20 21.42 0.51
N SER A 136 0.85 20.29 -0.10
CA SER A 136 0.48 19.09 0.65
CA SER A 136 0.45 19.08 0.62
C SER A 136 1.02 17.84 -0.05
N ARG A 137 2.33 17.83 -0.27
CA ARG A 137 3.00 16.66 -0.85
C ARG A 137 3.28 15.59 0.19
N GLN A 138 2.84 15.80 1.42
CA GLN A 138 3.27 14.95 2.52
C GLN A 138 2.56 13.62 2.51
N VAL A 139 3.30 12.57 2.86
CA VAL A 139 2.76 11.25 3.08
C VAL A 139 3.28 10.78 4.44
N TYR A 140 2.38 10.38 5.33
CA TYR A 140 2.75 10.01 6.69
C TYR A 140 3.01 8.51 6.77
N ILE A 141 4.21 8.15 7.24
CA ILE A 141 4.69 6.78 7.22
C ILE A 141 5.10 6.35 8.62
N CYS A 142 4.74 5.12 9.00
CA CYS A 142 5.22 4.60 10.28
C CYS A 142 5.25 3.07 10.21
N SER A 143 6.00 2.48 11.15
CA SER A 143 6.26 1.03 11.20
C SER A 143 7.01 0.73 12.47
N ASN A 144 6.80 -0.48 13.01
CA ASN A 144 7.69 -0.96 14.07
C ASN A 144 9.02 -1.48 13.55
N ASN A 145 9.16 -1.69 12.25
CA ASN A 145 10.40 -2.17 11.67
C ASN A 145 11.09 -0.99 11.01
N ILE A 146 12.24 -0.58 11.56
CA ILE A 146 12.93 0.61 11.08
C ILE A 146 13.38 0.43 9.64
N GLN A 147 13.93 -0.73 9.30
CA GLN A 147 14.44 -0.94 7.96
C GLN A 147 13.33 -0.85 6.92
N ALA A 148 12.18 -1.47 7.21
CA ALA A 148 11.04 -1.40 6.29
C ALA A 148 10.50 0.00 6.20
N ARG A 149 10.43 0.70 7.33
CA ARG A 149 10.02 2.10 7.34
C ARG A 149 10.89 2.94 6.40
N GLN A 150 12.21 2.77 6.49
CA GLN A 150 13.10 3.52 5.63
C GLN A 150 12.94 3.15 4.15
N GLN A 151 12.65 1.88 3.85
CA GLN A 151 12.43 1.50 2.44
C GLN A 151 11.20 2.18 1.88
N VAL A 152 10.12 2.26 2.68
CA VAL A 152 8.91 2.91 2.21
C VAL A 152 9.11 4.42 2.12
N ILE A 153 9.87 5.00 3.04
CA ILE A 153 10.21 6.42 2.96
C ILE A 153 10.95 6.71 1.66
N GLU A 154 11.89 5.84 1.28
CA GLU A 154 12.61 6.05 0.03
C GLU A 154 11.69 5.90 -1.17
N LEU A 155 10.78 4.92 -1.14
CA LEU A 155 9.81 4.78 -2.22
C LEU A 155 8.96 6.04 -2.36
N ALA A 156 8.50 6.60 -1.23
CA ALA A 156 7.71 7.82 -1.29
C ALA A 156 8.48 8.94 -1.96
N ARG A 157 9.77 9.07 -1.64
CA ARG A 157 10.59 10.09 -2.28
C ARG A 157 10.69 9.86 -3.78
N GLN A 158 10.83 8.59 -4.19
CA GLN A 158 10.91 8.29 -5.62
C GLN A 158 9.61 8.53 -6.34
N LEU A 159 8.48 8.49 -5.63
CA LEU A 159 7.20 8.79 -6.22
C LEU A 159 6.86 10.29 -6.14
N ASN A 160 7.82 11.10 -5.71
CA ASN A 160 7.74 12.57 -5.68
C ASN A 160 6.83 13.07 -4.57
N PHE A 161 6.76 12.33 -3.47
CA PHE A 161 6.11 12.81 -2.26
C PHE A 161 7.16 13.20 -1.24
N ILE A 162 6.71 13.89 -0.19
CA ILE A 162 7.58 14.28 0.92
C ILE A 162 7.24 13.35 2.07
N PRO A 163 8.07 12.37 2.38
CA PRO A 163 7.72 11.44 3.45
C PRO A 163 7.89 12.11 4.82
N ILE A 164 6.90 11.86 5.69
CA ILE A 164 6.89 12.36 7.05
C ILE A 164 6.96 11.13 7.96
N ASP A 165 8.11 10.94 8.60
CA ASP A 165 8.39 9.75 9.39
C ASP A 165 7.81 9.91 10.79
N LEU A 166 6.71 9.19 11.09
CA LEU A 166 6.11 9.29 12.42
C LEU A 166 6.44 8.08 13.28
N GLY A 167 7.54 7.40 12.99
CA GLY A 167 8.06 6.44 13.94
C GLY A 167 7.32 5.13 13.94
N SER A 168 6.92 4.68 15.13
CA SER A 168 6.41 3.33 15.32
C SER A 168 4.98 3.17 14.81
N LEU A 169 4.53 1.91 14.71
CA LEU A 169 3.20 1.64 14.17
C LEU A 169 2.10 2.15 15.08
N SER A 170 2.43 2.56 16.30
CA SER A 170 1.43 3.20 17.15
CA SER A 170 1.44 3.19 17.14
C SER A 170 0.88 4.47 16.52
N SER A 171 1.62 5.08 15.58
CA SER A 171 1.16 6.29 14.90
C SER A 171 0.09 6.02 13.84
N ALA A 172 -0.17 4.76 13.51
CA ALA A 172 -1.07 4.48 12.39
C ALA A 172 -2.50 4.89 12.70
N ARG A 173 -2.93 4.76 13.96
CA ARG A 173 -4.31 5.15 14.31
C ARG A 173 -4.60 6.59 13.93
N GLU A 174 -3.78 7.54 14.40
CA GLU A 174 -4.09 8.92 14.09
C GLU A 174 -3.75 9.32 12.67
N ILE A 175 -2.86 8.58 12.00
CA ILE A 175 -2.69 8.78 10.56
C ILE A 175 -3.97 8.38 9.83
N GLU A 176 -4.62 7.32 10.31
CA GLU A 176 -5.90 6.91 9.72
C GLU A 176 -7.03 7.87 10.09
N ASN A 177 -6.95 8.50 11.26
CA ASN A 177 -7.99 9.48 11.59
C ASN A 177 -7.84 10.77 10.80
N LEU A 178 -6.63 11.06 10.30
CA LEU A 178 -6.39 12.40 9.77
C LEU A 178 -7.29 12.79 8.61
N PRO A 179 -7.58 11.93 7.62
CA PRO A 179 -8.49 12.35 6.53
C PRO A 179 -9.88 12.70 7.02
N LEU A 180 -10.26 12.25 8.20
CA LEU A 180 -11.59 12.48 8.74
C LEU A 180 -11.67 13.69 9.65
N ARG A 181 -10.60 14.48 9.78
CA ARG A 181 -10.56 15.51 10.82
C ARG A 181 -10.68 16.98 10.39
N LEU A 182 -10.33 17.35 9.15
CA LEU A 182 -10.17 18.78 8.74
C LEU A 182 -8.89 19.45 9.22
PA NDP B . -12.21 -1.02 -4.11
O1A NDP B . -11.99 -0.56 -5.48
O2A NDP B . -13.58 -1.01 -3.48
O5B NDP B . -11.65 -2.56 -3.80
C5B NDP B . -10.36 -2.61 -4.26
C4B NDP B . -10.01 -4.07 -4.53
O4B NDP B . -10.30 -4.89 -3.40
C3B NDP B . -10.88 -4.64 -5.65
O3B NDP B . -10.42 -4.24 -6.88
C2B NDP B . -10.59 -6.17 -5.48
O2B NDP B . -9.53 -6.57 -6.15
C1B NDP B . -10.24 -6.21 -3.93
N9A NDP B . -11.18 -7.00 -3.23
C8A NDP B . -12.56 -6.81 -3.11
N7A NDP B . -13.15 -7.77 -2.36
C5A NDP B . -12.08 -8.61 -2.00
C6A NDP B . -12.04 -9.78 -1.26
N6A NDP B . -13.20 -10.28 -0.71
N1A NDP B . -10.88 -10.43 -1.05
C2A NDP B . -9.75 -9.86 -1.63
N3A NDP B . -9.63 -8.76 -2.37
C4A NDP B . -10.85 -8.15 -2.55
O3 NDP B . -11.33 -0.04 -3.08
PN NDP B . -10.42 1.21 -3.55
O1N NDP B . -9.43 0.94 -4.61
O2N NDP B . -11.21 2.51 -3.50
O5D NDP B . -9.58 1.34 -2.08
C5D NDP B . -8.72 0.31 -1.87
C4D NDP B . -7.92 0.65 -0.60
O4D NDP B . -7.29 1.95 -0.76
C3D NDP B . -8.86 0.81 0.63
O3D NDP B . -8.15 0.39 1.79
C2D NDP B . -9.09 2.33 0.68
O2D NDP B . -9.41 2.83 1.94
C1D NDP B . -7.68 2.83 0.27
N1N NDP B . -7.71 4.18 -0.31
C2N NDP B . -8.52 4.48 -1.40
C3N NDP B . -8.45 5.74 -1.93
C7N NDP B . -9.24 6.09 -3.08
O7N NDP B . -9.18 7.22 -3.57
N7N NDP B . -10.08 5.14 -3.66
C4N NDP B . -7.57 6.82 -1.40
C5N NDP B . -6.71 6.37 -0.30
C6N NDP B . -6.78 5.14 0.19
P2B NDP B . -9.70 -8.05 -7.16
O1X NDP B . -8.73 -7.64 -8.22
O2X NDP B . -9.26 -9.18 -6.23
O3X NDP B . -11.17 -7.97 -7.50
C1 EDO C . -7.37 10.24 0.52
O1 EDO C . -8.34 10.74 -0.41
C2 EDO C . -7.99 10.06 1.91
O2 EDO C . -8.95 11.09 2.16
S SO4 D . 12.53 4.27 16.51
O1 SO4 D . 13.59 3.80 17.41
O2 SO4 D . 11.85 5.40 17.15
O3 SO4 D . 13.10 4.66 15.21
O4 SO4 D . 11.55 3.23 16.27
S SO4 E . -3.92 0.93 18.23
O1 SO4 E . -2.86 0.57 19.17
O2 SO4 E . -5.19 0.99 18.96
O3 SO4 E . -3.63 2.23 17.62
O4 SO4 E . -3.98 -0.12 17.21
S SO4 F . 3.74 14.91 -10.07
O1 SO4 F . 4.55 14.40 -8.97
O2 SO4 F . 3.26 16.25 -9.72
O3 SO4 F . 4.56 14.96 -11.29
O4 SO4 F . 2.61 14.00 -10.31
S SO4 G . -16.96 -9.52 -5.42
O1 SO4 G . -16.66 -10.36 -4.25
O2 SO4 G . -18.35 -9.09 -5.38
O3 SO4 G . -16.08 -8.36 -5.43
O4 SO4 G . -16.74 -10.32 -6.63
#